data_3IB0
#
_entry.id   3IB0
#
_cell.length_a   61.432
_cell.length_b   49.865
_cell.length_c   65.165
_cell.angle_alpha   90.00
_cell.angle_beta   107.10
_cell.angle_gamma   90.00
#
_symmetry.space_group_name_H-M   'P 1 21 1'
#
loop_
_entity.id
_entity.type
_entity.pdbx_description
1 polymer Lactotransferrin
2 branched 2-acetamido-2-deoxy-beta-D-glucopyranose-(1-4)-2-acetamido-2-deoxy-beta-D-glucopyranose
3 branched alpha-D-mannopyranose-(1-4)-[alpha-D-mannopyranose-(1-6)]alpha-D-mannopyranose-(1-4)-2-acetamido-2-deoxy-beta-D-glucopyranose-(1-4)-2-acetamido-2-deoxy-beta-D-glucopyranose
4 branched alpha-D-mannopyranose-(1-4)-alpha-D-mannopyranose-(1-4)-alpha-D-mannopyranose-(1-4)-alpha-D-mannopyranose-(1-4)-2-acetamido-2-deoxy-beta-D-glucopyranose-(1-4)-2-acetamido-2-deoxy-beta-D-glucopyranose
5 non-polymer 'FE (III) ION'
6 non-polymer 'CARBONATE ION'
7 non-polymer '2-[2,6-DICHLOROPHENYL)AMINO]BENZENEACETIC ACID'
8 non-polymer 'SULFATE ION'
9 non-polymer 'ZINC ION'
10 non-polymer ETHANOL
11 water water
#
_entity_poly.entity_id   1
_entity_poly.type   'polypeptide(L)'
_entity_poly.pdbx_seq_one_letter_code
;YTRVVWCAVGPEEQKKCQQWSQQSGQNVTCATASTTDDCIVLVLKGEADALNLDGGYIYTAGKCGLVPVLAENRKSSKHS
SLDCVLRPTEGYLAVAVVKKANEGLTWNSLKDKKSCHTAVDRTAGWNIPMGLIVNQTGSCAFDEFFSQSCAPGADPKSRL
CALCAGDDQGLDKCVPNSKEKYYGYTGAFRCLAEDVGDVAFVKNDTVWENTNGESTADWAKNLKREDFRLLCLDGTRKPV
TEAQSCHLAVAPNHAVVSRSDRAAHVEQVLLHQQALFGKNGKNCPDKFCLFKSETKNLLFNDNTECLAKLGGRPTYEEYL
GTEYVTAIANLKKCSTSPLLEACAF
;
_entity_poly.pdbx_strand_id   A
#
loop_
_chem_comp.id
_chem_comp.type
_chem_comp.name
_chem_comp.formula
CO3 non-polymer 'CARBONATE ION' 'C O3 -2'
DIF non-polymer '2-[2,6-DICHLOROPHENYL)AMINO]BENZENEACETIC ACID' 'C14 H11 Cl2 N O2'
EOH non-polymer ETHANOL 'C2 H6 O'
FE non-polymer 'FE (III) ION' 'Fe 3'
MAN D-saccharide, alpha linking alpha-D-mannopyranose 'C6 H12 O6'
NAG D-saccharide, beta linking 2-acetamido-2-deoxy-beta-D-glucopyranose 'C8 H15 N O6'
SO4 non-polymer 'SULFATE ION' 'O4 S -2'
ZN non-polymer 'ZINC ION' 'Zn 2'
#
# COMPACT_ATOMS: atom_id res chain seq x y z
N TYR A 1 4.59 17.03 -27.68
CA TYR A 1 4.81 16.52 -26.29
C TYR A 1 4.81 15.00 -26.30
N THR A 2 5.16 14.40 -25.16
CA THR A 2 5.22 12.95 -25.08
C THR A 2 4.13 12.31 -24.22
N ARG A 3 3.80 11.07 -24.55
CA ARG A 3 2.85 10.30 -23.76
C ARG A 3 3.52 9.91 -22.45
N VAL A 4 2.74 9.72 -21.40
CA VAL A 4 3.27 9.14 -20.17
C VAL A 4 2.85 7.69 -20.10
N VAL A 5 3.84 6.82 -19.91
CA VAL A 5 3.59 5.38 -19.84
C VAL A 5 3.48 4.96 -18.39
N TRP A 6 2.27 4.62 -17.97
CA TRP A 6 2.05 4.18 -16.59
C TRP A 6 2.35 2.69 -16.49
N CYS A 7 2.76 2.23 -15.30
CA CYS A 7 2.94 0.79 -15.14
C CYS A 7 1.90 0.23 -14.19
N ALA A 8 1.11 -0.69 -14.70
CA ALA A 8 0.07 -1.35 -13.94
C ALA A 8 0.57 -2.68 -13.41
N VAL A 9 0.28 -2.97 -12.15
CA VAL A 9 0.68 -4.20 -11.52
C VAL A 9 -0.50 -5.20 -11.55
N GLY A 10 -0.38 -6.20 -12.43
CA GLY A 10 -1.42 -7.21 -12.56
C GLY A 10 -2.55 -6.79 -13.49
N PRO A 11 -3.39 -7.77 -13.84
CA PRO A 11 -4.40 -7.54 -14.89
C PRO A 11 -5.55 -6.60 -14.50
N GLU A 12 -5.89 -6.50 -13.22
CA GLU A 12 -6.96 -5.61 -12.82
C GLU A 12 -6.49 -4.17 -12.94
N GLU A 13 -5.28 -3.90 -12.45
CA GLU A 13 -4.71 -2.58 -12.63
C GLU A 13 -4.58 -2.26 -14.10
N GLN A 14 -4.23 -3.28 -14.91
CA GLN A 14 -4.08 -3.05 -16.34
C GLN A 14 -5.37 -2.67 -17.03
N LYS A 15 -6.47 -3.26 -16.58
CA LYS A 15 -7.79 -2.92 -17.11
C LYS A 15 -8.16 -1.48 -16.78
N LYS A 16 -7.91 -1.08 -15.54
CA LYS A 16 -8.19 0.29 -15.13
C LYS A 16 -7.30 1.25 -15.89
N CYS A 17 -6.03 0.89 -16.02
CA CYS A 17 -5.10 1.76 -16.72
C CYS A 17 -5.54 1.95 -18.17
N GLN A 18 -6.03 0.88 -18.78
CA GLN A 18 -6.47 0.96 -20.17
C GLN A 18 -7.67 1.90 -20.33
N GLN A 19 -8.57 1.88 -19.33
CA GLN A 19 -9.71 2.82 -19.32
C GLN A 19 -9.19 4.25 -19.22
N TRP A 20 -8.23 4.47 -18.33
CA TRP A 20 -7.65 5.78 -18.14
C TRP A 20 -7.00 6.24 -19.44
N SER A 21 -6.28 5.34 -20.08
CA SER A 21 -5.60 5.67 -21.33
C SER A 21 -6.60 6.13 -22.38
N GLN A 22 -7.69 5.40 -22.53
CA GLN A 22 -8.72 5.75 -23.51
C GLN A 22 -9.29 7.14 -23.21
N GLN A 23 -9.63 7.37 -21.94
CA GLN A 23 -10.21 8.64 -21.54
C GLN A 23 -9.23 9.80 -21.66
N SER A 24 -7.95 9.52 -21.52
CA SER A 24 -6.92 10.55 -21.57
C SER A 24 -6.53 10.89 -23.00
N GLY A 25 -7.16 10.22 -23.96
CA GLY A 25 -6.87 10.45 -25.37
C GLY A 25 -5.44 10.03 -25.69
N GLN A 26 -4.99 8.97 -25.04
CA GLN A 26 -3.62 8.46 -25.19
C GLN A 26 -2.54 9.33 -24.57
N ASN A 27 -2.90 10.35 -23.80
CA ASN A 27 -1.89 11.14 -23.11
C ASN A 27 -1.20 10.25 -22.08
N VAL A 28 -1.93 9.25 -21.61
CA VAL A 28 -1.38 8.21 -20.76
C VAL A 28 -1.59 6.89 -21.48
N THR A 29 -0.55 6.05 -21.50
CA THR A 29 -0.65 4.69 -22.04
C THR A 29 -0.17 3.73 -20.96
N CYS A 30 -0.25 2.44 -21.23
CA CYS A 30 -0.09 1.47 -20.16
C CYS A 30 0.93 0.39 -20.50
N ALA A 31 1.83 0.17 -19.55
CA ALA A 31 2.67 -1.02 -19.56
C ALA A 31 2.18 -1.82 -18.37
N THR A 32 2.39 -3.12 -18.37
CA THR A 32 1.94 -3.91 -17.25
CA THR A 32 1.95 -3.90 -17.24
C THR A 32 2.98 -4.96 -16.87
N ALA A 33 3.09 -5.24 -15.58
CA ALA A 33 3.99 -6.27 -15.07
C ALA A 33 3.27 -7.05 -13.98
N SER A 34 3.83 -8.19 -13.58
CA SER A 34 3.14 -9.05 -12.62
C SER A 34 3.34 -8.61 -11.18
N THR A 35 4.39 -7.85 -10.92
CA THR A 35 4.70 -7.41 -9.57
C THR A 35 5.18 -5.99 -9.59
N THR A 36 5.13 -5.35 -8.44
CA THR A 36 5.61 -4.00 -8.32
C THR A 36 7.09 -3.91 -8.63
N ASP A 37 7.90 -4.85 -8.14
CA ASP A 37 9.31 -4.85 -8.46
C ASP A 37 9.53 -4.90 -9.98
N ASP A 38 8.74 -5.71 -10.68
CA ASP A 38 8.88 -5.78 -12.13
C ASP A 38 8.51 -4.46 -12.80
N CYS A 39 7.51 -3.76 -12.28
CA CYS A 39 7.17 -2.44 -12.79
C CYS A 39 8.32 -1.46 -12.56
N ILE A 40 8.93 -1.54 -11.38
CA ILE A 40 10.07 -0.69 -11.09
C ILE A 40 11.16 -0.94 -12.13
N VAL A 41 11.38 -2.21 -12.45
CA VAL A 41 12.37 -2.55 -13.46
C VAL A 41 11.98 -2.00 -14.84
N LEU A 42 10.70 -2.08 -15.22
CA LEU A 42 10.31 -1.46 -16.49
C LEU A 42 10.65 0.02 -16.52
N VAL A 43 10.42 0.70 -15.40
CA VAL A 43 10.73 2.13 -15.35
C VAL A 43 12.24 2.35 -15.44
N LEU A 44 13.01 1.56 -14.69
CA LEU A 44 14.47 1.66 -14.76
C LEU A 44 14.97 1.45 -16.19
N LYS A 45 14.32 0.58 -16.94
CA LYS A 45 14.73 0.31 -18.31
C LYS A 45 14.26 1.37 -19.28
N GLY A 46 13.37 2.23 -18.82
CA GLY A 46 12.79 3.25 -19.69
C GLY A 46 11.62 2.72 -20.48
N GLU A 47 11.10 1.57 -20.08
CA GLU A 47 9.99 0.94 -20.80
C GLU A 47 8.65 1.30 -20.20
N ALA A 48 8.69 2.01 -19.07
CA ALA A 48 7.53 2.68 -18.50
C ALA A 48 8.06 3.95 -17.88
N ASP A 49 7.18 4.91 -17.63
CA ASP A 49 7.56 6.18 -17.01
C ASP A 49 7.38 6.24 -15.50
N ALA A 50 6.28 5.69 -15.01
CA ALA A 50 5.92 5.95 -13.63
C ALA A 50 4.88 4.98 -13.11
N LEU A 51 4.83 4.91 -11.78
CA LEU A 51 3.72 4.26 -11.08
C LEU A 51 3.71 4.80 -9.65
N ASN A 52 2.59 4.57 -8.99
CA ASN A 52 2.40 4.98 -7.61
C ASN A 52 2.84 3.83 -6.69
N LEU A 53 3.59 4.15 -5.66
CA LEU A 53 4.25 3.14 -4.83
C LEU A 53 4.05 3.34 -3.35
N ASP A 54 3.83 2.23 -2.64
CA ASP A 54 3.99 2.22 -1.20
C ASP A 54 5.42 2.61 -0.81
N GLY A 55 5.58 3.15 0.39
CA GLY A 55 6.88 3.63 0.85
C GLY A 55 8.01 2.62 0.83
N GLY A 56 7.73 1.35 1.04
CA GLY A 56 8.80 0.36 1.00
C GLY A 56 9.25 0.20 -0.42
N TYR A 57 8.30 0.19 -1.32
CA TYR A 57 8.65 0.10 -2.72
C TYR A 57 9.41 1.34 -3.15
N ILE A 58 9.06 2.50 -2.58
CA ILE A 58 9.79 3.72 -2.87
C ILE A 58 11.24 3.56 -2.47
N TYR A 59 11.47 2.85 -1.37
CA TYR A 59 12.85 2.55 -0.94
C TYR A 59 13.59 1.75 -2.01
N THR A 60 13.00 0.65 -2.47
CA THR A 60 13.58 -0.14 -3.54
C THR A 60 13.83 0.72 -4.78
N ALA A 61 12.81 1.47 -5.20
CA ALA A 61 12.91 2.29 -6.39
C ALA A 61 13.97 3.37 -6.22
N GLY A 62 14.05 3.92 -5.02
CA GLY A 62 14.97 5.02 -4.75
C GLY A 62 16.42 4.60 -4.76
N LYS A 63 16.69 3.36 -4.30
CA LYS A 63 18.07 2.81 -4.30
C LYS A 63 18.51 2.65 -5.74
N CYS A 64 17.55 2.50 -6.62
CA CYS A 64 17.80 2.26 -8.03
C CYS A 64 17.81 3.56 -8.82
N GLY A 65 17.60 4.67 -8.15
CA GLY A 65 17.70 5.97 -8.81
C GLY A 65 16.42 6.68 -9.14
N LEU A 66 15.28 6.03 -8.92
CA LEU A 66 14.02 6.69 -9.21
C LEU A 66 13.69 7.70 -8.11
N VAL A 67 12.89 8.70 -8.45
CA VAL A 67 12.61 9.80 -7.54
C VAL A 67 11.12 10.00 -7.31
N PRO A 68 10.75 10.49 -6.12
CA PRO A 68 9.34 10.78 -5.88
C PRO A 68 8.89 12.01 -6.65
N VAL A 69 7.66 11.98 -7.13
CA VAL A 69 7.14 13.02 -8.02
C VAL A 69 5.94 13.79 -7.41
N LEU A 70 4.95 13.04 -6.92
CA LEU A 70 3.73 13.59 -6.30
C LEU A 70 3.29 12.53 -5.31
N ALA A 71 2.63 12.97 -4.24
CA ALA A 71 2.20 12.03 -3.19
C ALA A 71 0.69 11.96 -3.08
N GLU A 72 0.17 10.78 -2.75
CA GLU A 72 -1.24 10.66 -2.42
C GLU A 72 -1.57 11.57 -1.22
N ASN A 73 -2.66 12.29 -1.34
CA ASN A 73 -3.14 13.11 -0.24
C ASN A 73 -4.58 12.69 -0.01
N ARG A 74 -4.87 12.15 1.15
CA ARG A 74 -6.25 11.84 1.49
C ARG A 74 -6.86 13.04 2.22
N LYS A 75 -8.16 13.00 2.39
CA LYS A 75 -8.83 14.01 3.19
C LYS A 75 -8.17 14.26 4.51
N SER A 76 -8.00 15.51 4.88
CA SER A 76 -7.40 15.73 6.16
C SER A 76 -8.37 15.79 7.28
N SER A 77 -7.77 15.48 8.41
CA SER A 77 -8.39 15.47 9.67
C SER A 77 -8.78 16.86 10.13
N LYS A 78 -8.02 17.81 9.61
CA LYS A 78 -8.34 19.15 9.97
C LYS A 78 -8.52 20.02 8.75
N HIS A 79 -9.58 20.95 8.88
CA HIS A 79 -9.85 22.10 7.91
C HIS A 79 -8.50 22.56 7.52
N SER A 80 -8.35 22.69 6.25
CA SER A 80 -7.22 23.44 5.79
C SER A 80 -7.73 24.36 4.71
N SER A 81 -7.25 25.60 4.73
CA SER A 81 -7.55 26.55 3.68
C SER A 81 -6.86 26.18 2.38
N LEU A 82 -5.83 25.33 2.46
CA LEU A 82 -5.07 25.04 1.26
C LEU A 82 -5.78 24.11 0.30
N ASP A 83 -5.47 24.29 -0.99
CA ASP A 83 -5.92 23.38 -2.03
C ASP A 83 -5.27 22.03 -1.78
N CYS A 84 -5.98 20.95 -2.10
CA CYS A 84 -5.45 19.60 -1.85
C CYS A 84 -4.06 19.41 -2.44
N VAL A 85 -3.83 19.92 -3.64
CA VAL A 85 -2.54 19.75 -4.30
C VAL A 85 -1.41 20.46 -3.56
N LEU A 86 -1.76 21.45 -2.73
CA LEU A 86 -0.77 22.22 -2.00
C LEU A 86 -0.79 21.97 -0.50
N ARG A 87 -1.69 21.06 -0.06
CA ARG A 87 -1.82 20.71 1.36
C ARG A 87 -0.71 19.73 1.71
N PRO A 88 0.08 20.00 2.77
CA PRO A 88 1.09 19.04 3.20
C PRO A 88 0.42 17.72 3.56
N THR A 89 1.05 16.60 3.19
CA THR A 89 0.45 15.33 3.51
C THR A 89 0.57 15.01 4.99
N GLU A 90 -0.27 14.10 5.47
CA GLU A 90 -0.15 13.58 6.81
C GLU A 90 0.12 12.13 6.56
N GLY A 91 1.06 11.52 7.25
CA GLY A 91 1.25 10.13 6.94
C GLY A 91 0.09 9.30 7.42
N TYR A 92 0.03 8.05 7.01
CA TYR A 92 -1.03 7.17 7.47
C TYR A 92 -0.55 6.33 8.63
N LEU A 93 -1.48 5.78 9.36
CA LEU A 93 -1.16 5.01 10.57
C LEU A 93 -1.12 3.51 10.33
N ALA A 94 0.06 2.90 10.46
CA ALA A 94 0.22 1.46 10.32
C ALA A 94 -0.33 0.81 11.60
N VAL A 95 -1.20 -0.18 11.51
CA VAL A 95 -1.76 -0.78 12.72
C VAL A 95 -1.80 -2.31 12.67
N ALA A 96 -1.94 -2.90 13.82
CA ALA A 96 -2.06 -4.34 13.90
C ALA A 96 -3.48 -4.55 14.40
N VAL A 97 -4.31 -5.16 13.56
CA VAL A 97 -5.70 -5.38 13.88
C VAL A 97 -6.02 -6.84 14.14
N VAL A 98 -6.86 -7.06 15.13
CA VAL A 98 -7.33 -8.39 15.48
C VAL A 98 -8.83 -8.35 15.70
N LYS A 99 -9.43 -9.53 15.87
CA LYS A 99 -10.82 -9.60 16.26
C LYS A 99 -10.97 -9.38 17.76
N LYS A 100 -11.99 -8.61 18.14
CA LYS A 100 -12.30 -8.43 19.54
C LYS A 100 -12.52 -9.80 20.18
N ALA A 101 -13.18 -10.68 19.44
CA ALA A 101 -13.53 -12.01 19.95
C ALA A 101 -12.29 -12.86 20.25
N ASN A 102 -11.17 -12.53 19.64
CA ASN A 102 -9.93 -13.23 19.90
C ASN A 102 -9.31 -12.65 21.17
N GLU A 103 -9.91 -12.95 22.31
CA GLU A 103 -9.56 -12.27 23.55
C GLU A 103 -8.18 -12.68 24.03
N GLY A 104 -7.47 -11.79 24.70
CA GLY A 104 -6.15 -12.15 25.19
C GLY A 104 -5.02 -12.14 24.16
N LEU A 105 -5.36 -11.99 22.88
CA LEU A 105 -4.30 -11.76 21.89
C LEU A 105 -3.81 -10.32 22.01
N THR A 106 -2.51 -10.16 22.21
CA THR A 106 -1.90 -8.84 22.26
C THR A 106 -0.64 -8.85 21.43
N TRP A 107 -0.01 -7.69 21.29
CA TRP A 107 1.25 -7.60 20.59
C TRP A 107 2.23 -8.63 21.14
N ASN A 108 2.19 -8.84 22.45
CA ASN A 108 3.14 -9.72 23.10
C ASN A 108 2.85 -11.21 23.02
N SER A 109 1.71 -11.57 22.43
CA SER A 109 1.38 -12.98 22.23
C SER A 109 1.21 -13.33 20.75
N LEU A 110 1.82 -12.55 19.87
CA LEU A 110 1.72 -12.79 18.44
C LEU A 110 2.47 -14.04 17.95
N LYS A 111 3.51 -14.43 18.67
CA LYS A 111 4.29 -15.58 18.27
C LYS A 111 3.40 -16.79 18.04
N ASP A 112 3.65 -17.50 16.94
CA ASP A 112 2.90 -18.71 16.60
C ASP A 112 1.45 -18.48 16.16
N LYS A 113 1.06 -17.23 15.99
CA LYS A 113 -0.28 -16.94 15.51
C LYS A 113 -0.28 -16.85 13.99
N LYS A 114 -1.46 -16.65 13.41
CA LYS A 114 -1.60 -16.56 11.96
C LYS A 114 -1.69 -15.10 11.55
N SER A 115 -0.93 -14.70 10.55
CA SER A 115 -0.85 -13.28 10.19
C SER A 115 -1.24 -12.99 8.75
N CYS A 116 -1.77 -11.81 8.52
CA CYS A 116 -2.17 -11.35 7.19
C CYS A 116 -1.41 -10.07 6.91
N HIS A 117 -0.64 -10.05 5.83
CA HIS A 117 0.19 -8.91 5.45
C HIS A 117 -0.22 -8.41 4.07
N THR A 118 -0.13 -7.10 3.86
CA THR A 118 -0.45 -6.57 2.54
C THR A 118 0.41 -7.25 1.46
N ALA A 119 1.74 -7.19 1.64
CA ALA A 119 2.71 -7.88 0.80
C ALA A 119 4.06 -7.71 1.46
N VAL A 120 4.98 -8.61 1.16
CA VAL A 120 6.36 -8.43 1.54
C VAL A 120 6.86 -7.10 0.97
N ASP A 121 7.67 -6.41 1.76
CA ASP A 121 8.31 -5.15 1.36
C ASP A 121 7.45 -3.91 1.47
N ARG A 122 6.18 -4.06 1.83
CA ARG A 122 5.32 -2.89 1.98
C ARG A 122 5.40 -2.35 3.41
N THR A 123 5.07 -1.07 3.58
CA THR A 123 5.28 -0.39 4.85
C THR A 123 4.49 -0.95 6.03
N ALA A 124 3.18 -0.79 6.00
CA ALA A 124 2.35 -1.23 7.11
C ALA A 124 2.27 -2.75 7.16
N GLY A 125 2.27 -3.38 6.00
CA GLY A 125 2.08 -4.81 5.97
C GLY A 125 3.31 -5.63 6.31
N TRP A 126 4.48 -5.03 6.24
CA TRP A 126 5.71 -5.81 6.35
C TRP A 126 6.84 -5.09 7.07
N ASN A 127 7.30 -3.98 6.51
CA ASN A 127 8.53 -3.38 7.01
C ASN A 127 8.39 -2.97 8.46
N ILE A 128 7.27 -2.33 8.79
CA ILE A 128 7.07 -1.87 10.15
C ILE A 128 6.88 -3.05 11.12
N PRO A 129 5.87 -3.90 10.89
CA PRO A 129 5.69 -4.97 11.88
C PRO A 129 6.85 -5.97 11.93
N MET A 130 7.38 -6.38 10.79
CA MET A 130 8.47 -7.34 10.84
C MET A 130 9.75 -6.70 11.39
N GLY A 131 9.94 -5.42 11.10
CA GLY A 131 11.10 -4.72 11.62
C GLY A 131 11.02 -4.69 13.14
N LEU A 132 9.84 -4.39 13.66
CA LEU A 132 9.63 -4.37 15.11
C LEU A 132 9.82 -5.77 15.69
N ILE A 133 9.29 -6.77 15.01
CA ILE A 133 9.39 -8.14 15.51
C ILE A 133 10.82 -8.65 15.51
N VAL A 134 11.56 -8.41 14.44
CA VAL A 134 12.96 -8.77 14.38
C VAL A 134 13.71 -8.14 15.54
N ASN A 135 13.50 -6.85 15.76
CA ASN A 135 14.19 -6.16 16.85
C ASN A 135 13.87 -6.74 18.22
N GLN A 136 12.58 -6.88 18.51
CA GLN A 136 12.18 -7.37 19.82
C GLN A 136 12.58 -8.82 20.09
N THR A 137 12.62 -9.64 19.04
CA THR A 137 13.00 -11.04 19.21
C THR A 137 14.52 -11.21 19.11
N GLY A 138 15.18 -10.14 18.66
CA GLY A 138 16.61 -10.19 18.44
C GLY A 138 16.98 -11.28 17.45
N SER A 139 16.04 -11.62 16.57
CA SER A 139 16.24 -12.69 15.60
C SER A 139 15.81 -12.30 14.20
N CYS A 140 16.56 -12.75 13.19
CA CYS A 140 16.22 -12.49 11.79
C CYS A 140 15.29 -13.55 11.23
N ALA A 141 14.88 -14.50 12.06
CA ALA A 141 14.07 -15.60 11.59
C ALA A 141 12.61 -15.21 11.57
N PHE A 142 12.31 -14.05 10.98
CA PHE A 142 10.93 -13.57 10.90
C PHE A 142 10.04 -14.47 10.06
N ASP A 143 10.64 -15.39 9.32
CA ASP A 143 9.89 -16.33 8.50
C ASP A 143 9.39 -17.51 9.31
N GLU A 144 9.76 -17.57 10.59
CA GLU A 144 9.31 -18.65 11.45
C GLU A 144 8.56 -18.13 12.67
N PHE A 145 8.28 -16.83 12.70
CA PHE A 145 7.61 -16.23 13.84
C PHE A 145 6.13 -16.59 13.94
N PHE A 146 5.39 -16.34 12.86
CA PHE A 146 3.99 -16.69 12.80
C PHE A 146 3.85 -18.14 12.36
N SER A 147 2.85 -18.86 12.86
CA SER A 147 2.68 -20.25 12.46
C SER A 147 2.44 -20.34 10.96
N GLN A 148 1.56 -19.47 10.46
CA GLN A 148 1.26 -19.40 9.05
C GLN A 148 0.92 -17.97 8.73
N SER A 149 1.09 -17.58 7.47
CA SER A 149 0.72 -16.23 7.07
C SER A 149 0.24 -16.19 5.64
N CYS A 150 -0.35 -15.04 5.28
CA CYS A 150 -0.39 -14.66 3.88
C CYS A 150 0.45 -13.41 3.75
N ALA A 151 1.59 -13.54 3.10
CA ALA A 151 2.50 -12.44 2.89
C ALA A 151 2.87 -12.47 1.42
N PRO A 152 2.00 -11.89 0.57
CA PRO A 152 2.23 -11.97 -0.87
C PRO A 152 3.65 -11.53 -1.25
N GLY A 153 4.28 -12.33 -2.11
CA GLY A 153 5.66 -12.09 -2.47
C GLY A 153 6.64 -13.07 -1.85
N ALA A 154 6.21 -13.76 -0.79
CA ALA A 154 7.08 -14.74 -0.16
C ALA A 154 7.09 -16.02 -0.96
N ASP A 155 7.88 -17.00 -0.54
CA ASP A 155 7.94 -18.29 -1.24
C ASP A 155 6.57 -18.96 -1.14
N PRO A 156 5.93 -19.27 -2.29
CA PRO A 156 4.57 -19.79 -2.22
C PRO A 156 4.41 -21.11 -1.45
N LYS A 157 5.48 -21.89 -1.31
CA LYS A 157 5.36 -23.16 -0.59
C LYS A 157 5.68 -23.01 0.89
N SER A 158 6.04 -21.79 1.30
CA SER A 158 6.45 -21.56 2.68
C SER A 158 5.29 -21.21 3.59
N ARG A 159 5.57 -21.21 4.89
CA ARG A 159 4.55 -20.86 5.86
C ARG A 159 4.07 -19.43 5.64
N LEU A 160 4.93 -18.58 5.10
CA LEU A 160 4.56 -17.18 4.90
C LEU A 160 3.48 -16.99 3.84
N CYS A 161 3.25 -18.03 3.04
CA CYS A 161 2.22 -18.00 2.00
C CYS A 161 1.09 -18.97 2.26
N ALA A 162 1.15 -19.68 3.38
CA ALA A 162 0.20 -20.78 3.59
C ALA A 162 -1.25 -20.35 3.64
N LEU A 163 -1.50 -19.11 4.06
CA LEU A 163 -2.89 -18.63 4.12
C LEU A 163 -3.36 -17.92 2.89
N CYS A 164 -2.46 -17.65 1.94
CA CYS A 164 -2.88 -16.97 0.73
C CYS A 164 -3.76 -17.91 -0.09
N ALA A 165 -4.66 -17.33 -0.87
CA ALA A 165 -5.68 -18.12 -1.55
C ALA A 165 -5.67 -18.05 -3.07
N GLY A 166 -4.91 -17.09 -3.61
CA GLY A 166 -4.82 -16.84 -5.05
C GLY A 166 -6.16 -16.26 -5.61
N ASP A 167 -6.40 -16.54 -6.89
CA ASP A 167 -7.62 -16.10 -7.53
C ASP A 167 -8.82 -17.19 -7.46
N ASP A 168 -9.92 -17.03 -8.31
CA ASP A 168 -11.19 -17.88 -8.48
C ASP A 168 -10.90 -19.33 -8.72
N GLN A 169 -9.85 -19.43 -9.55
CA GLN A 169 -9.26 -20.67 -10.00
C GLN A 169 -8.14 -21.15 -9.04
N GLY A 170 -7.87 -20.45 -7.92
CA GLY A 170 -6.85 -20.95 -6.95
C GLY A 170 -5.43 -20.81 -7.50
N LEU A 171 -5.34 -20.10 -8.61
CA LEU A 171 -4.05 -19.86 -9.26
C LEU A 171 -3.42 -18.60 -8.70
N ASP A 172 -2.13 -18.39 -8.92
CA ASP A 172 -1.46 -17.19 -8.46
C ASP A 172 -1.42 -17.04 -6.96
N LYS A 173 -1.40 -18.16 -6.28
CA LYS A 173 -1.34 -18.15 -4.85
C LYS A 173 -0.12 -17.42 -4.32
N CYS A 174 -0.34 -16.35 -3.55
CA CYS A 174 0.72 -15.52 -2.90
C CYS A 174 1.46 -14.54 -3.85
N VAL A 175 0.93 -14.34 -5.08
CA VAL A 175 1.52 -13.37 -5.97
C VAL A 175 1.26 -12.02 -5.29
N PRO A 176 2.17 -11.09 -5.43
CA PRO A 176 1.93 -9.77 -4.86
C PRO A 176 1.24 -8.84 -5.87
N ASN A 177 0.04 -9.22 -6.24
CA ASN A 177 -0.82 -8.33 -7.00
C ASN A 177 -2.27 -8.67 -6.69
N SER A 178 -3.18 -7.83 -7.15
CA SER A 178 -4.57 -7.92 -6.78
C SER A 178 -5.27 -9.26 -7.13
N LYS A 179 -4.67 -10.15 -7.87
CA LYS A 179 -5.31 -11.43 -8.18
C LYS A 179 -5.40 -12.25 -6.92
N GLU A 180 -4.37 -12.10 -6.10
CA GLU A 180 -4.35 -12.82 -4.85
C GLU A 180 -5.45 -12.23 -3.96
N LYS A 181 -6.36 -13.10 -3.54
CA LYS A 181 -7.51 -12.72 -2.73
C LYS A 181 -7.13 -11.84 -1.55
N TYR A 182 -6.04 -12.18 -0.88
CA TYR A 182 -5.67 -11.49 0.34
C TYR A 182 -4.55 -10.48 0.16
N TYR A 183 -4.34 -10.03 -1.08
CA TYR A 183 -3.34 -9.00 -1.36
C TYR A 183 -3.74 -7.60 -0.90
N GLY A 184 -2.75 -6.85 -0.41
CA GLY A 184 -2.92 -5.42 -0.21
C GLY A 184 -3.67 -5.10 1.06
N TYR A 185 -3.95 -3.82 1.28
CA TYR A 185 -4.69 -3.43 2.47
C TYR A 185 -6.00 -4.18 2.61
N THR A 186 -6.80 -4.17 1.53
CA THR A 186 -8.14 -4.73 1.59
C THR A 186 -8.06 -6.25 1.72
N GLY A 187 -7.15 -6.87 0.98
CA GLY A 187 -6.97 -8.32 1.05
C GLY A 187 -6.52 -8.79 2.42
N ALA A 188 -5.56 -8.09 3.01
CA ALA A 188 -5.08 -8.48 4.32
C ALA A 188 -6.17 -8.29 5.38
N PHE A 189 -6.92 -7.20 5.27
CA PHE A 189 -8.05 -7.01 6.19
C PHE A 189 -9.11 -8.12 5.99
N ARG A 190 -9.36 -8.52 4.74
CA ARG A 190 -10.30 -9.61 4.50
C ARG A 190 -9.81 -10.91 5.11
N CYS A 191 -8.50 -11.13 5.05
CA CYS A 191 -7.89 -12.32 5.63
C CYS A 191 -8.19 -12.38 7.14
N LEU A 192 -8.15 -11.23 7.81
CA LEU A 192 -8.52 -11.16 9.21
C LEU A 192 -10.03 -11.29 9.38
N ALA A 193 -10.79 -10.58 8.56
CA ALA A 193 -12.24 -10.58 8.70
C ALA A 193 -12.80 -12.00 8.62
N GLU A 194 -12.25 -12.80 7.70
CA GLU A 194 -12.72 -14.17 7.48
C GLU A 194 -12.09 -15.15 8.47
N ASP A 195 -11.33 -14.64 9.42
CA ASP A 195 -10.65 -15.46 10.43
C ASP A 195 -9.66 -16.44 9.83
N VAL A 196 -9.17 -16.13 8.63
CA VAL A 196 -8.07 -16.90 8.06
C VAL A 196 -6.82 -16.62 8.88
N GLY A 197 -6.61 -15.34 9.22
CA GLY A 197 -5.52 -14.98 10.11
C GLY A 197 -6.03 -14.43 11.43
N ASP A 198 -5.13 -14.39 12.41
CA ASP A 198 -5.42 -13.80 13.72
C ASP A 198 -5.16 -12.31 13.78
N VAL A 199 -4.25 -11.84 12.93
CA VAL A 199 -3.85 -10.44 12.94
C VAL A 199 -3.63 -9.96 11.51
N ALA A 200 -3.98 -8.71 11.26
CA ALA A 200 -3.76 -8.10 9.97
C ALA A 200 -2.86 -6.86 10.18
N PHE A 201 -1.86 -6.71 9.32
CA PHE A 201 -0.98 -5.57 9.34
C PHE A 201 -1.40 -4.71 8.20
N VAL A 202 -2.09 -3.61 8.53
CA VAL A 202 -2.62 -2.68 7.53
C VAL A 202 -2.51 -1.28 8.07
N LYS A 203 -3.40 -0.44 7.61
CA LYS A 203 -3.46 0.95 8.09
C LYS A 203 -4.82 1.25 8.69
N ASN A 204 -4.86 2.29 9.50
CA ASN A 204 -6.10 2.68 10.16
C ASN A 204 -7.25 2.81 9.17
N ASP A 205 -7.02 3.47 8.05
CA ASP A 205 -8.09 3.76 7.11
C ASP A 205 -8.77 2.49 6.63
N THR A 206 -7.99 1.44 6.45
CA THR A 206 -8.52 0.18 5.92
C THR A 206 -9.63 -0.35 6.78
N VAL A 207 -9.45 -0.28 8.08
CA VAL A 207 -10.45 -0.81 8.99
C VAL A 207 -11.75 -0.04 8.81
N TRP A 208 -11.67 1.28 8.77
CA TRP A 208 -12.85 2.13 8.67
C TRP A 208 -13.54 2.02 7.32
N GLU A 209 -12.75 1.84 6.26
CA GLU A 209 -13.30 1.86 4.92
C GLU A 209 -14.00 0.55 4.55
N ASN A 210 -13.82 -0.48 5.39
CA ASN A 210 -14.39 -1.78 5.09
C ASN A 210 -15.28 -2.32 6.20
N THR A 211 -15.78 -1.41 7.03
CA THR A 211 -16.71 -1.77 8.11
C THR A 211 -17.89 -0.82 8.12
N ASN A 212 -18.92 -1.21 8.87
CA ASN A 212 -20.10 -0.36 9.09
C ASN A 212 -20.73 0.18 7.82
N GLY A 213 -20.79 -0.65 6.78
CA GLY A 213 -21.43 -0.29 5.53
C GLY A 213 -20.57 0.50 4.56
N GLU A 214 -19.37 0.89 4.99
CA GLU A 214 -18.50 1.67 4.12
C GLU A 214 -18.09 0.88 2.88
N SER A 215 -18.09 -0.44 3.00
CA SER A 215 -17.88 -1.32 1.85
C SER A 215 -19.11 -2.20 1.65
N THR A 216 -19.56 -2.32 0.41
CA THR A 216 -20.73 -3.14 0.10
C THR A 216 -20.33 -4.53 -0.34
N ALA A 217 -19.03 -4.82 -0.30
CA ALA A 217 -18.52 -6.14 -0.66
C ALA A 217 -19.10 -7.24 0.21
N ASP A 218 -19.36 -8.40 -0.39
CA ASP A 218 -19.99 -9.50 0.32
C ASP A 218 -19.27 -9.83 1.63
N TRP A 219 -17.95 -9.77 1.60
CA TRP A 219 -17.16 -10.19 2.75
C TRP A 219 -17.10 -9.09 3.80
N ALA A 220 -17.32 -7.86 3.34
CA ALA A 220 -17.19 -6.69 4.22
C ALA A 220 -18.52 -6.11 4.65
N LYS A 221 -19.55 -6.36 3.86
CA LYS A 221 -20.80 -5.62 4.00
C LYS A 221 -21.39 -5.71 5.40
N ASN A 222 -21.13 -6.83 6.08
CA ASN A 222 -21.72 -7.07 7.39
C ASN A 222 -20.72 -6.88 8.55
N LEU A 223 -19.54 -6.35 8.28
CA LEU A 223 -18.56 -6.19 9.34
C LEU A 223 -18.79 -4.95 10.19
N LYS A 224 -18.59 -5.06 11.49
CA LYS A 224 -18.74 -3.95 12.40
C LYS A 224 -17.43 -3.60 13.06
N ARG A 225 -17.14 -2.33 13.13
CA ARG A 225 -15.94 -1.84 13.76
C ARG A 225 -15.71 -2.32 15.16
N GLU A 226 -16.79 -2.47 15.91
CA GLU A 226 -16.63 -2.79 17.28
C GLU A 226 -16.19 -4.22 17.48
N ASP A 227 -16.18 -4.96 16.40
CA ASP A 227 -15.74 -6.36 16.41
C ASP A 227 -14.25 -6.47 16.19
N PHE A 228 -13.58 -5.32 16.06
CA PHE A 228 -12.14 -5.32 15.86
C PHE A 228 -11.43 -4.54 16.95
N ARG A 229 -10.16 -4.87 17.17
CA ARG A 229 -9.31 -4.14 18.11
C ARG A 229 -7.95 -3.91 17.50
N LEU A 230 -7.30 -2.83 17.94
CA LEU A 230 -5.92 -2.57 17.55
C LEU A 230 -4.99 -3.08 18.62
N LEU A 231 -3.83 -3.57 18.23
CA LEU A 231 -2.82 -4.00 19.19
C LEU A 231 -1.81 -2.88 19.36
N CYS A 232 -1.66 -2.41 20.59
CA CYS A 232 -0.70 -1.36 20.85
C CYS A 232 0.64 -1.98 21.26
N LEU A 233 1.73 -1.27 20.98
CA LEU A 233 3.05 -1.81 21.27
C LEU A 233 3.29 -2.04 22.76
N ASP A 234 2.54 -1.34 23.61
CA ASP A 234 2.68 -1.54 25.05
C ASP A 234 1.90 -2.74 25.56
N GLY A 235 1.34 -3.54 24.65
CA GLY A 235 0.70 -4.78 25.03
C GLY A 235 -0.80 -4.67 25.30
N THR A 236 -1.36 -3.47 25.15
CA THR A 236 -2.79 -3.26 25.34
C THR A 236 -3.58 -3.44 24.04
N ARG A 237 -4.89 -3.51 24.17
CA ARG A 237 -5.81 -3.59 23.03
C ARG A 237 -6.74 -2.40 23.08
N LYS A 238 -7.00 -1.78 21.93
CA LYS A 238 -7.88 -0.63 21.91
C LYS A 238 -8.88 -0.69 20.78
N PRO A 239 -10.03 -0.03 20.97
CA PRO A 239 -10.97 0.12 19.88
C PRO A 239 -10.30 0.83 18.70
N VAL A 240 -10.84 0.60 17.52
CA VAL A 240 -10.22 1.13 16.30
C VAL A 240 -10.40 2.64 16.15
N THR A 241 -11.07 3.27 17.11
CA THR A 241 -11.17 4.73 17.19
C THR A 241 -9.90 5.32 17.79
N GLU A 242 -9.04 4.48 18.34
CA GLU A 242 -7.87 4.96 19.08
C GLU A 242 -6.57 4.81 18.33
N ALA A 243 -6.64 4.79 17.00
CA ALA A 243 -5.43 4.57 16.20
C ALA A 243 -4.33 5.60 16.49
N GLN A 244 -4.72 6.83 16.79
CA GLN A 244 -3.71 7.88 16.99
C GLN A 244 -2.86 7.61 18.23
N SER A 245 -3.35 6.77 19.13
CA SER A 245 -2.58 6.38 20.32
C SER A 245 -2.24 4.90 20.36
N CYS A 246 -2.53 4.20 19.26
CA CYS A 246 -2.32 2.75 19.22
C CYS A 246 -1.97 2.29 17.81
N HIS A 247 -0.85 2.81 17.30
CA HIS A 247 -0.35 2.41 15.99
C HIS A 247 1.07 1.89 16.11
N LEU A 248 1.54 1.23 15.06
CA LEU A 248 2.89 0.72 15.02
C LEU A 248 3.87 1.77 14.51
N ALA A 249 3.40 2.63 13.62
CA ALA A 249 4.21 3.70 13.05
C ALA A 249 3.35 4.63 12.23
N VAL A 250 3.91 5.81 11.92
CA VAL A 250 3.29 6.72 10.95
C VAL A 250 4.07 6.48 9.66
N ALA A 251 3.36 6.18 8.59
CA ALA A 251 3.97 5.84 7.31
C ALA A 251 3.93 7.02 6.36
N PRO A 252 4.96 7.16 5.52
CA PRO A 252 4.86 8.16 4.48
C PRO A 252 3.86 7.71 3.42
N ASN A 253 3.09 8.63 2.90
CA ASN A 253 2.06 8.30 1.91
C ASN A 253 2.63 7.67 0.65
N HIS A 254 1.83 6.85 0.02
CA HIS A 254 2.20 6.28 -1.25
C HIS A 254 2.44 7.46 -2.17
N ALA A 255 3.35 7.27 -3.12
CA ALA A 255 3.73 8.36 -4.02
C ALA A 255 4.16 7.83 -5.37
N VAL A 256 4.02 8.68 -6.37
CA VAL A 256 4.42 8.37 -7.72
C VAL A 256 5.93 8.55 -7.84
N VAL A 257 6.57 7.59 -8.49
CA VAL A 257 7.99 7.70 -8.77
C VAL A 257 8.25 7.59 -10.27
N SER A 258 9.37 8.18 -10.69
CA SER A 258 9.80 8.13 -12.09
C SER A 258 11.30 8.34 -12.14
N ARG A 259 11.88 8.19 -13.33
CA ARG A 259 13.24 8.69 -13.51
C ARG A 259 13.25 10.19 -13.36
N SER A 260 14.38 10.76 -12.93
CA SER A 260 14.50 12.20 -12.78
C SER A 260 14.21 12.91 -14.07
N ASP A 261 14.70 12.36 -15.17
CA ASP A 261 14.53 13.08 -16.38
C ASP A 261 13.14 13.02 -16.95
N ARG A 262 12.27 12.23 -16.33
CA ARG A 262 10.87 12.20 -16.76
C ARG A 262 9.95 12.83 -15.74
N ALA A 263 10.51 13.18 -14.57
CA ALA A 263 9.70 13.62 -13.44
C ALA A 263 8.84 14.86 -13.70
N ALA A 264 9.42 15.89 -14.32
CA ALA A 264 8.67 17.12 -14.53
C ALA A 264 7.51 16.87 -15.46
N HIS A 265 7.74 16.02 -16.45
CA HIS A 265 6.69 15.76 -17.41
C HIS A 265 5.61 14.86 -16.83
N VAL A 266 6.03 13.86 -16.07
CA VAL A 266 5.07 13.01 -15.39
C VAL A 266 4.22 13.86 -14.43
N GLU A 267 4.87 14.79 -13.75
CA GLU A 267 4.17 15.66 -12.82
C GLU A 267 3.13 16.51 -13.54
N GLN A 268 3.52 17.17 -14.62
CA GLN A 268 2.60 18.03 -15.33
C GLN A 268 1.40 17.24 -15.83
N VAL A 269 1.67 16.08 -16.41
CA VAL A 269 0.62 15.25 -16.96
C VAL A 269 -0.36 14.80 -15.88
N LEU A 270 0.18 14.35 -14.75
CA LEU A 270 -0.67 13.89 -13.65
C LEU A 270 -1.53 15.00 -13.06
N LEU A 271 -0.96 16.20 -12.94
CA LEU A 271 -1.73 17.31 -12.42
C LEU A 271 -2.92 17.58 -13.33
N HIS A 272 -2.72 17.48 -14.63
CA HIS A 272 -3.82 17.67 -15.56
C HIS A 272 -4.79 16.50 -15.52
N GLN A 273 -4.26 15.28 -15.51
CA GLN A 273 -5.12 14.10 -15.49
C GLN A 273 -6.06 14.09 -14.29
N GLN A 274 -5.57 14.50 -13.12
CA GLN A 274 -6.45 14.51 -11.96
C GLN A 274 -7.45 15.66 -12.01
N ALA A 275 -7.06 16.76 -12.67
CA ALA A 275 -8.02 17.84 -12.87
C ALA A 275 -9.23 17.33 -13.64
N LEU A 276 -8.98 16.38 -14.55
CA LEU A 276 -10.05 15.74 -15.31
C LEU A 276 -10.73 14.60 -14.55
N PHE A 277 -9.94 13.69 -13.99
CA PHE A 277 -10.49 12.43 -13.51
C PHE A 277 -10.36 12.20 -12.01
N GLY A 278 -9.83 13.18 -11.30
CA GLY A 278 -9.65 13.08 -9.85
C GLY A 278 -10.93 13.28 -9.07
N LYS A 279 -10.80 13.37 -7.73
CA LYS A 279 -11.97 13.62 -6.91
C LYS A 279 -12.52 14.99 -7.30
N ASN A 280 -13.79 14.94 -7.59
CA ASN A 280 -14.60 16.00 -8.21
C ASN A 280 -13.83 16.67 -9.37
N GLY A 281 -13.15 15.80 -10.14
CA GLY A 281 -12.62 16.13 -11.46
C GLY A 281 -13.70 16.44 -12.47
N LYS A 282 -13.31 17.12 -13.54
CA LYS A 282 -14.29 17.59 -14.52
C LYS A 282 -15.05 16.46 -15.18
N ASN A 283 -14.43 15.32 -15.31
CA ASN A 283 -15.11 14.24 -15.96
C ASN A 283 -15.23 13.01 -15.07
N CYS A 284 -15.14 13.24 -13.76
CA CYS A 284 -15.44 12.24 -12.74
C CYS A 284 -16.61 12.75 -11.90
N PRO A 285 -17.67 11.93 -11.74
CA PRO A 285 -17.76 10.50 -12.05
C PRO A 285 -18.38 10.18 -13.43
N ASP A 286 -18.76 11.20 -14.17
CA ASP A 286 -19.47 10.99 -15.43
C ASP A 286 -18.73 10.06 -16.38
N LYS A 287 -17.41 10.28 -16.50
CA LYS A 287 -16.62 9.61 -17.51
C LYS A 287 -15.70 8.54 -16.93
N PHE A 288 -14.84 8.95 -16.00
CA PHE A 288 -13.86 8.06 -15.42
C PHE A 288 -13.29 8.69 -14.18
N CYS A 289 -13.10 7.89 -13.14
CA CYS A 289 -12.51 8.37 -11.89
C CYS A 289 -11.21 7.66 -11.61
N LEU A 290 -10.14 8.43 -11.63
CA LEU A 290 -8.79 7.91 -11.44
C LEU A 290 -8.59 7.29 -10.06
N PHE A 291 -9.31 7.80 -9.06
CA PHE A 291 -9.10 7.37 -7.68
C PHE A 291 -10.24 6.52 -7.14
N LYS A 292 -10.95 5.86 -8.05
CA LYS A 292 -11.91 4.84 -7.65
C LYS A 292 -11.64 3.53 -8.38
N SER A 293 -11.99 2.42 -7.73
CA SER A 293 -11.88 1.11 -8.34
C SER A 293 -12.71 0.09 -7.55
N GLU A 294 -13.86 0.48 -6.90
CA GLU A 294 -14.74 -0.51 -6.23
C GLU A 294 -14.05 -1.27 -5.12
N THR A 295 -13.53 -0.36 -4.26
CA THR A 295 -12.68 -0.44 -3.05
C THR A 295 -11.55 -1.43 -3.19
N LYS A 296 -10.94 -1.42 -4.38
CA LYS A 296 -9.83 -2.34 -4.72
C LYS A 296 -8.47 -1.67 -4.76
N ASN A 297 -8.44 -0.36 -4.57
CA ASN A 297 -7.19 0.40 -4.53
C ASN A 297 -6.27 0.12 -5.71
N LEU A 298 -6.82 0.19 -6.93
CA LEU A 298 -6.04 -0.08 -8.13
C LEU A 298 -5.39 1.19 -8.64
N LEU A 299 -4.07 1.12 -8.85
CA LEU A 299 -3.21 2.24 -9.29
C LEU A 299 -2.96 3.26 -8.20
N PHE A 300 -4.04 3.66 -7.53
CA PHE A 300 -3.97 4.59 -6.40
C PHE A 300 -4.92 4.07 -5.34
N ASN A 301 -4.71 4.48 -4.09
CA ASN A 301 -5.70 4.17 -3.08
C ASN A 301 -7.00 4.89 -3.37
N ASP A 302 -8.11 4.20 -3.13
CA ASP A 302 -9.41 4.77 -3.41
C ASP A 302 -9.74 5.97 -2.53
N ASN A 303 -9.02 6.14 -1.43
CA ASN A 303 -9.24 7.29 -0.56
C ASN A 303 -8.35 8.48 -0.90
N THR A 304 -7.67 8.40 -2.04
CA THR A 304 -6.88 9.52 -2.51
C THR A 304 -7.79 10.68 -2.95
N GLU A 305 -7.60 11.85 -2.35
CA GLU A 305 -8.34 13.04 -2.77
C GLU A 305 -7.62 13.70 -3.93
N CYS A 306 -6.29 13.71 -3.87
CA CYS A 306 -5.50 14.21 -4.97
C CYS A 306 -4.07 13.73 -4.83
N LEU A 307 -3.29 13.89 -5.90
CA LEU A 307 -1.86 13.76 -5.83
C LEU A 307 -1.31 15.15 -5.55
N ALA A 308 -0.50 15.27 -4.52
CA ALA A 308 -0.06 16.57 -4.05
C ALA A 308 1.41 16.84 -4.36
N LYS A 309 1.72 18.10 -4.55
CA LYS A 309 3.10 18.51 -4.79
C LYS A 309 3.97 18.25 -3.55
N LEU A 310 5.22 17.87 -3.79
CA LEU A 310 6.16 17.64 -2.71
C LEU A 310 6.88 18.93 -2.32
N GLY A 311 7.17 19.07 -1.02
CA GLY A 311 8.01 20.16 -0.56
C GLY A 311 9.49 19.87 -0.70
N GLY A 312 10.21 20.79 -1.32
CA GLY A 312 11.65 20.84 -1.20
C GLY A 312 12.33 19.84 -2.10
N ARG A 313 11.62 19.38 -3.12
CA ARG A 313 12.22 18.59 -4.19
C ARG A 313 12.95 17.37 -3.64
N PRO A 314 12.26 16.62 -2.79
CA PRO A 314 12.92 15.68 -1.90
C PRO A 314 13.51 14.49 -2.56
N THR A 315 14.62 14.07 -2.02
CA THR A 315 15.18 12.80 -2.41
C THR A 315 14.28 11.71 -1.85
N TYR A 316 14.47 10.47 -2.29
CA TYR A 316 13.62 9.41 -1.77
C TYR A 316 13.83 9.26 -0.27
N GLU A 317 15.03 9.50 0.22
CA GLU A 317 15.32 9.36 1.64
C GLU A 317 14.66 10.47 2.44
N GLU A 318 14.65 11.67 1.89
CA GLU A 318 13.95 12.77 2.54
C GLU A 318 12.46 12.50 2.55
N TYR A 319 11.93 11.96 1.45
CA TYR A 319 10.51 11.69 1.37
C TYR A 319 10.07 10.65 2.39
N LEU A 320 10.85 9.57 2.49
CA LEU A 320 10.51 8.47 3.40
C LEU A 320 10.77 8.84 4.85
N GLY A 321 11.80 9.68 5.05
CA GLY A 321 12.23 10.07 6.39
C GLY A 321 13.34 9.18 6.89
N THR A 322 14.33 9.80 7.53
CA THR A 322 15.53 9.10 7.97
C THR A 322 15.20 7.92 8.90
N GLU A 323 14.25 8.13 9.80
CA GLU A 323 13.74 7.10 10.71
C GLU A 323 13.37 5.83 9.94
N TYR A 324 12.46 5.99 8.99
CA TYR A 324 11.92 4.86 8.27
C TYR A 324 12.99 4.21 7.37
N VAL A 325 13.83 5.03 6.75
CA VAL A 325 14.90 4.52 5.90
C VAL A 325 15.83 3.60 6.69
N THR A 326 16.21 4.03 7.88
CA THR A 326 17.11 3.24 8.69
C THR A 326 16.43 1.95 9.14
N ALA A 327 15.14 2.04 9.46
CA ALA A 327 14.37 0.86 9.87
C ALA A 327 14.34 -0.18 8.74
N ILE A 328 14.11 0.28 7.51
CA ILE A 328 14.11 -0.63 6.37
C ILE A 328 15.49 -1.25 6.20
N ALA A 329 16.53 -0.42 6.24
CA ALA A 329 17.88 -0.89 6.07
C ALA A 329 18.21 -1.98 7.08
N ASN A 330 17.86 -1.73 8.34
CA ASN A 330 18.09 -2.70 9.40
C ASN A 330 17.37 -4.01 9.16
N LEU A 331 16.11 -3.94 8.73
CA LEU A 331 15.35 -5.14 8.43
C LEU A 331 15.97 -5.91 7.26
N LYS A 332 16.41 -5.19 6.21
CA LYS A 332 16.95 -5.82 5.00
C LYS A 332 18.26 -6.58 5.31
N LYS A 333 18.90 -6.29 6.43
CA LYS A 333 20.13 -6.99 6.80
C LYS A 333 19.84 -8.46 7.11
N CYS A 334 18.57 -8.75 7.37
CA CYS A 334 18.16 -10.12 7.69
C CYS A 334 18.17 -11.03 6.48
N SER A 335 17.61 -10.53 5.38
CA SER A 335 17.52 -11.32 4.16
C SER A 335 18.23 -10.62 3.00
N LEU A 340 23.22 -2.23 1.86
CA LEU A 340 22.96 -0.89 2.37
C LEU A 340 22.81 0.12 1.23
N GLU A 341 23.17 -0.30 0.02
CA GLU A 341 23.96 0.54 -0.87
C GLU A 341 23.19 0.86 -2.14
N ALA A 342 22.56 -0.15 -2.72
CA ALA A 342 22.60 -0.36 -4.16
C ALA A 342 21.28 -0.91 -4.68
N CYS A 343 21.09 -0.76 -5.97
CA CYS A 343 19.87 -1.22 -6.62
C CYS A 343 19.72 -2.76 -6.49
N ALA A 344 18.56 -3.24 -6.06
CA ALA A 344 18.30 -4.68 -5.98
C ALA A 344 18.07 -5.32 -7.34
N PHE A 345 18.51 -4.64 -8.39
CA PHE A 345 18.34 -5.15 -9.74
C PHE A 345 19.60 -4.97 -10.57
C1 NAG B . -3.59 15.68 -23.69
C2 NAG B . -4.79 16.47 -23.18
C3 NAG B . -4.93 17.77 -23.97
C4 NAG B . -3.63 18.54 -23.98
C5 NAG B . -2.46 17.64 -24.33
C6 NAG B . -1.14 18.38 -24.19
C7 NAG B . -6.46 14.88 -22.35
C8 NAG B . -7.81 14.29 -22.60
N2 NAG B . -6.00 15.69 -23.31
O3 NAG B . -5.90 18.60 -23.41
O4 NAG B . -3.75 19.56 -24.95
O5 NAG B . -2.46 16.49 -23.51
O6 NAG B . -0.98 18.87 -22.89
O7 NAG B . -5.85 14.60 -21.32
C1 NAG B . -3.37 20.81 -24.38
C2 NAG B . -2.94 21.76 -25.49
C3 NAG B . -2.64 23.14 -24.92
C4 NAG B . -3.78 23.62 -24.03
C5 NAG B . -4.16 22.58 -23.00
C6 NAG B . -5.52 23.00 -22.46
C7 NAG B . -1.80 20.65 -27.34
C8 NAG B . -0.52 20.61 -28.13
N2 NAG B . -1.75 21.27 -26.16
O3 NAG B . -2.46 24.05 -25.96
O4 NAG B . -3.36 24.81 -23.40
O5 NAG B . -4.44 21.36 -23.65
O6 NAG B . -6.33 22.80 -23.59
O7 NAG B . -2.82 20.14 -27.80
C1 NAG C . 15.22 -1.84 14.91
C2 NAG C . 14.44 -0.59 14.57
C3 NAG C . 15.35 0.50 13.98
C4 NAG C . 16.60 0.70 14.83
C5 NAG C . 17.23 -0.64 15.15
C6 NAG C . 18.43 -0.47 16.09
C7 NAG C . 12.11 -0.52 13.89
C8 NAG C . 11.09 -0.89 12.87
N2 NAG C . 13.37 -0.89 13.65
O3 NAG C . 14.63 1.71 13.90
O4 NAG C . 17.54 1.52 14.16
O5 NAG C . 16.29 -1.50 15.77
O6 NAG C . 18.09 0.44 17.11
O7 NAG C . 11.78 0.09 14.91
C1 NAG C . 17.92 2.72 14.78
C2 NAG C . 19.28 3.24 14.41
C3 NAG C . 19.61 4.52 15.18
C4 NAG C . 18.56 5.58 15.07
C5 NAG C . 17.24 4.90 15.44
C6 NAG C . 16.02 5.76 15.17
C7 NAG C . 20.95 1.54 13.91
C8 NAG C . 21.81 0.48 14.49
N2 NAG C . 20.26 2.26 14.73
O3 NAG C . 20.83 4.92 14.65
O4 NAG C . 18.74 6.74 15.88
O5 NAG C . 16.98 3.70 14.79
O6 NAG C . 15.79 6.06 13.82
O7 NAG C . 20.96 1.66 12.75
C1 MAN C . 19.07 7.97 15.25
C2 MAN C . 20.53 7.95 14.90
C3 MAN C . 21.25 9.28 15.00
C4 MAN C . 20.29 10.38 14.68
C5 MAN C . 19.32 10.33 15.83
C6 MAN C . 18.49 11.58 15.97
O2 MAN C . 20.68 7.35 13.65
O3 MAN C . 22.48 9.35 14.28
O4 MAN C . 21.07 11.56 14.52
O5 MAN C . 18.61 9.11 15.99
O6 MAN C . 17.63 11.79 14.87
C1 MAN C . 22.04 12.51 15.00
C2 MAN C . 23.47 12.27 15.47
C3 MAN C . 23.90 13.28 16.53
C4 MAN C . 23.46 14.72 16.22
C5 MAN C . 22.09 14.81 15.55
C6 MAN C . 21.87 16.19 14.93
O2 MAN C . 24.35 12.31 14.38
O3 MAN C . 25.30 13.25 16.64
O4 MAN C . 23.44 15.45 17.43
O5 MAN C . 21.97 13.84 14.52
O6 MAN C . 20.75 16.18 14.07
C1 MAN C . 16.77 13.03 14.60
C2 MAN C . 16.80 13.68 13.23
C3 MAN C . 17.00 15.17 13.49
C4 MAN C . 16.26 15.69 14.73
C5 MAN C . 15.88 14.67 15.81
C6 MAN C . 14.67 15.12 16.65
O2 MAN C . 15.57 13.46 12.58
O3 MAN C . 16.59 15.91 12.36
O4 MAN C . 17.07 16.70 15.31
O5 MAN C . 15.59 13.41 15.26
O6 MAN C . 13.54 15.30 15.82
C1 NAG D . -8.79 6.28 10.61
C2 NAG D . -8.71 7.75 11.03
C3 NAG D . -10.08 8.38 10.86
C4 NAG D . -10.63 8.19 9.45
C5 NAG D . -10.53 6.73 9.05
C6 NAG D . -10.89 6.55 7.59
C7 NAG D . -7.15 8.52 12.74
C8 NAG D . -6.87 8.66 14.21
N2 NAG D . -8.26 7.87 12.40
O3 NAG D . -10.03 9.77 11.11
O4 NAG D . -11.99 8.54 9.46
O5 NAG D . -9.21 6.26 9.26
O6 NAG D . -10.11 7.45 6.84
O7 NAG D . -6.37 9.00 11.92
C1 NAG D . -12.26 9.50 8.43
C2 NAG D . -13.78 9.47 8.20
C3 NAG D . -14.29 10.70 7.47
C4 NAG D . -13.71 11.87 8.24
C5 NAG D . -12.23 11.84 8.09
C6 NAG D . -11.79 13.21 8.61
C7 NAG D . -14.97 7.34 8.11
C8 NAG D . -15.36 6.16 7.26
N2 NAG D . -14.20 8.25 7.52
O3 NAG D . -15.70 10.71 7.50
O4 NAG D . -14.01 13.15 7.80
O5 NAG D . -11.78 10.76 8.86
O6 NAG D . -10.61 13.12 9.39
O7 NAG D . -15.37 7.42 9.27
C1 MAN D . -14.91 13.76 6.80
C2 MAN D . -14.11 14.64 5.88
C3 MAN D . -14.33 15.98 6.51
C4 MAN D . -15.73 16.33 6.06
C5 MAN D . -16.69 15.45 6.84
C6 MAN D . -17.79 14.83 5.99
O2 MAN D . -14.60 14.62 4.56
O3 MAN D . -13.38 16.89 5.99
O4 MAN D . -15.99 17.69 6.34
O5 MAN D . -15.97 14.40 7.46
O6 MAN D . -18.35 13.77 6.72
C1 MAN D . -15.43 18.41 7.49
C2 MAN D . -15.12 17.88 8.85
C3 MAN D . -15.42 18.87 9.94
C4 MAN D . -14.97 20.29 9.62
C5 MAN D . -14.35 20.43 8.22
C6 MAN D . -12.87 20.63 8.40
O2 MAN D . -13.76 17.63 8.85
O3 MAN D . -14.69 18.43 11.06
O4 MAN D . -16.02 21.20 9.92
O5 MAN D . -14.40 19.32 7.36
O6 MAN D . -12.08 19.63 9.04
C1 MAN D . -16.29 21.60 11.33
C2 MAN D . -17.67 21.34 11.88
C3 MAN D . -18.18 22.23 13.02
C4 MAN D . -17.09 23.00 13.74
C5 MAN D . -15.67 22.90 13.19
C6 MAN D . -14.67 23.06 14.35
O2 MAN D . -17.51 20.06 12.40
O3 MAN D . -18.79 21.34 13.93
O4 MAN D . -17.42 24.37 13.69
O5 MAN D . -15.39 21.74 12.41
O6 MAN D . -14.73 21.97 15.22
C1 MAN D . -17.80 24.63 15.06
C2 MAN D . -17.20 25.98 15.34
C3 MAN D . -16.88 26.10 16.80
C4 MAN D . -17.38 25.09 17.76
C5 MAN D . -17.98 23.78 17.35
C6 MAN D . -19.07 23.34 18.31
O2 MAN D . -18.13 26.97 14.92
O3 MAN D . -17.08 27.34 17.41
O4 MAN D . -16.13 24.66 18.11
O5 MAN D . -18.51 23.96 16.08
O6 MAN D . -18.84 23.92 19.57
FE FE E . 1.37 1.38 2.31
C CO3 F . 1.38 -0.98 3.08
O1 CO3 F . 1.04 -0.73 1.84
O2 CO3 F . 1.68 0.00 3.85
O3 CO3 F . 1.42 -2.20 3.54
C1 DIF G . 6.75 11.64 4.87
C2 DIF G . 7.73 11.87 5.84
CL2 DIF G . 7.72 10.84 7.22
C3 DIF G . 8.66 12.92 5.67
C4 DIF G . 8.57 13.68 4.50
CL4 DIF G . 9.69 14.97 4.22
C5 DIF G . 7.59 13.44 3.54
C6 DIF G . 6.67 12.41 3.72
N1 DIF G . 9.65 13.20 6.53
C7 DIF G . 11.04 13.37 8.41
C8 DIF G . 9.75 13.44 7.87
C9 DIF G . 8.67 13.77 8.69
C10 DIF G . 8.83 14.00 10.05
C11 DIF G . 10.10 13.92 10.60
C12 DIF G . 11.19 13.62 9.78
C13 DIF G . 12.24 13.02 7.45
C14 DIF G . 13.73 12.86 7.84
O1 DIF G . 14.17 13.10 9.00
O2 DIF G . 14.46 12.50 6.89
S SO4 H . -11.07 -6.08 24.46
O1 SO4 H . -9.83 -5.52 23.94
O2 SO4 H . -10.98 -6.15 25.93
O3 SO4 H . -12.19 -5.22 24.09
O4 SO4 H . -11.30 -7.42 23.93
S SO4 I . 8.03 16.10 -22.99
O1 SO4 I . 8.06 17.00 -21.83
O2 SO4 I . 8.45 14.77 -22.57
O3 SO4 I . 6.67 16.05 -23.54
O4 SO4 I . 8.93 16.60 -24.02
ZN ZN J . 16.40 17.97 0.09
ZN ZN K . 3.28 7.49 16.83
C1 EOH L . 19.00 -8.47 14.54
C2 EOH L . 18.05 -7.84 15.54
O EOH L . 18.91 -9.88 14.55
#